data_1UEB
#
_entry.id   1UEB
#
_cell.length_a   55.265
_cell.length_b   56.035
_cell.length_c   165.350
_cell.angle_alpha   90.00
_cell.angle_beta   90.00
_cell.angle_gamma   90.00
#
_symmetry.space_group_name_H-M   'P 21 21 21'
#
loop_
_entity.id
_entity.type
_entity.pdbx_description
1 polymer 'elongation factor P'
2 water water
#
_entity_poly.entity_id   1
_entity_poly.type   'polypeptide(L)'
_entity_poly.pdbx_seq_one_letter_code
;MISVTDLRPGTKVKMDGGLWECVEYQHQKLGRGGAKVVAKFKNLETGATVERTFNSGEKLEDIYVETRELQYLYPEGEEM
VFMDLETYEQFAVPRSRVVGAEFFKEGMTALGDMYEGQPIKVTPPTVVELKVVDTPPGVRGDTVSGGSKPATLETGAVVQ
VPLFVEPGEVIKVDTRTGEYVGRA
;
_entity_poly.pdbx_strand_id   A,B
#
# COMPACT_ATOMS: atom_id res chain seq x y z
N MET A 1 17.78 11.71 8.33
CA MET A 1 16.61 11.66 7.41
C MET A 1 16.50 10.29 6.75
N ILE A 2 15.27 9.90 6.40
CA ILE A 2 15.04 8.63 5.73
C ILE A 2 14.02 8.83 4.62
N SER A 3 14.07 7.96 3.62
CA SER A 3 13.13 8.03 2.51
C SER A 3 11.81 7.46 2.97
N VAL A 4 10.70 8.03 2.51
CA VAL A 4 9.39 7.55 2.91
C VAL A 4 9.16 6.11 2.49
N THR A 5 9.91 5.63 1.51
CA THR A 5 9.74 4.24 1.06
C THR A 5 10.44 3.29 2.02
N ASP A 6 11.19 3.83 2.97
CA ASP A 6 11.88 3.01 3.95
C ASP A 6 11.08 2.89 5.24
N LEU A 7 9.91 3.55 5.27
CA LEU A 7 9.04 3.50 6.43
C LEU A 7 8.48 2.09 6.56
N ARG A 8 8.27 1.67 7.80
CA ARG A 8 7.70 0.36 8.10
C ARG A 8 7.08 0.46 9.49
N PRO A 9 6.09 -0.38 9.78
CA PRO A 9 5.48 -0.31 11.11
C PRO A 9 6.60 -0.38 12.16
N GLY A 10 6.61 0.59 13.06
CA GLY A 10 7.64 0.61 14.09
C GLY A 10 8.62 1.75 13.94
N THR A 11 8.73 2.28 12.72
CA THR A 11 9.68 3.37 12.47
C THR A 11 9.22 4.64 13.19
N LYS A 12 10.14 5.26 13.90
CA LYS A 12 9.84 6.48 14.64
C LYS A 12 10.34 7.72 13.90
N VAL A 13 9.48 8.72 13.79
CA VAL A 13 9.81 9.96 13.09
C VAL A 13 9.26 11.20 13.81
N LYS A 14 9.81 12.35 13.46
CA LYS A 14 9.35 13.62 14.01
C LYS A 14 8.66 14.35 12.87
N MET A 15 7.39 14.70 13.05
CA MET A 15 6.62 15.41 12.04
C MET A 15 5.79 16.52 12.65
N ASP A 16 5.82 17.69 12.03
CA ASP A 16 5.04 18.83 12.51
C ASP A 16 5.21 19.05 14.01
N GLY A 17 6.44 18.95 14.49
CA GLY A 17 6.72 19.15 15.90
C GLY A 17 6.32 17.99 16.81
N GLY A 18 5.75 16.94 16.24
CA GLY A 18 5.35 15.80 17.06
C GLY A 18 6.25 14.59 16.87
N LEU A 19 6.19 13.67 17.83
CA LEU A 19 6.98 12.44 17.76
C LEU A 19 6.00 11.32 17.44
N TRP A 20 6.28 10.59 16.36
CA TRP A 20 5.38 9.53 15.91
C TRP A 20 6.00 8.18 15.62
N GLU A 21 5.15 7.17 15.52
CA GLU A 21 5.55 5.81 15.20
C GLU A 21 4.66 5.33 14.06
N CYS A 22 5.27 4.86 12.99
CA CYS A 22 4.50 4.35 11.86
C CYS A 22 3.79 3.07 12.30
N VAL A 23 2.53 2.93 11.94
CA VAL A 23 1.78 1.73 12.31
C VAL A 23 1.24 1.01 11.08
N GLU A 24 1.16 1.73 9.95
CA GLU A 24 0.68 1.17 8.68
C GLU A 24 1.49 1.76 7.54
N TYR A 25 1.84 0.91 6.56
CA TYR A 25 2.62 1.36 5.42
C TYR A 25 2.11 0.79 4.10
N GLN A 26 2.03 1.64 3.08
CA GLN A 26 1.59 1.21 1.75
C GLN A 26 2.33 2.02 0.69
N HIS A 27 3.03 1.31 -0.20
CA HIS A 27 3.78 1.93 -1.28
C HIS A 27 3.04 1.50 -2.55
N GLN A 28 2.61 2.46 -3.37
CA GLN A 28 1.85 2.10 -4.56
C GLN A 28 2.21 2.90 -5.81
N LYS A 29 2.11 2.25 -6.96
CA LYS A 29 2.36 2.93 -8.23
C LYS A 29 1.42 2.33 -9.27
N LEU A 30 0.61 3.19 -9.87
CA LEU A 30 -0.36 2.77 -10.89
C LEU A 30 0.03 3.31 -12.26
N GLY A 31 0.35 2.40 -13.18
CA GLY A 31 0.74 2.82 -14.52
C GLY A 31 1.91 3.78 -14.52
N ARG A 32 1.84 4.78 -15.40
CA ARG A 32 2.92 5.76 -15.49
C ARG A 32 2.83 6.84 -14.42
N GLY A 33 1.85 6.72 -13.54
CA GLY A 33 1.71 7.71 -12.47
C GLY A 33 2.84 7.62 -11.48
N GLY A 34 3.11 8.73 -10.78
CA GLY A 34 4.17 8.73 -9.79
C GLY A 34 3.81 7.85 -8.61
N ALA A 35 4.80 7.19 -8.03
CA ALA A 35 4.55 6.32 -6.89
C ALA A 35 4.22 7.14 -5.65
N LYS A 36 3.36 6.60 -4.79
CA LYS A 36 2.96 7.27 -3.56
C LYS A 36 3.13 6.36 -2.37
N VAL A 37 3.29 6.96 -1.19
CA VAL A 37 3.39 6.19 0.02
C VAL A 37 2.29 6.71 0.94
N VAL A 38 1.47 5.80 1.44
CA VAL A 38 0.40 6.16 2.35
C VAL A 38 0.75 5.48 3.65
N ALA A 39 0.91 6.27 4.71
CA ALA A 39 1.28 5.69 5.99
C ALA A 39 0.49 6.27 7.15
N LYS A 40 0.22 5.42 8.13
CA LYS A 40 -0.51 5.85 9.31
C LYS A 40 0.47 5.86 10.47
N PHE A 41 0.34 6.85 11.34
CA PHE A 41 1.24 6.98 12.48
C PHE A 41 0.45 7.17 13.77
N LYS A 42 1.02 6.73 14.88
CA LYS A 42 0.40 6.91 16.18
C LYS A 42 1.39 7.76 16.98
N ASN A 43 0.89 8.72 17.74
CA ASN A 43 1.77 9.60 18.51
C ASN A 43 2.44 8.85 19.65
N LEU A 44 3.68 9.26 19.97
CA LEU A 44 4.43 8.63 21.04
C LEU A 44 4.15 9.29 22.39
N GLU A 45 3.49 10.44 22.36
CA GLU A 45 3.19 11.17 23.59
C GLU A 45 1.70 11.36 23.86
N THR A 46 0.94 11.62 22.81
CA THR A 46 -0.50 11.82 22.92
C THR A 46 -1.23 10.60 22.36
N GLY A 47 -2.55 10.68 22.28
CA GLY A 47 -3.30 9.56 21.75
C GLY A 47 -3.68 9.78 20.29
N ALA A 48 -3.13 10.84 19.70
CA ALA A 48 -3.44 11.16 18.32
C ALA A 48 -2.83 10.23 17.28
N THR A 49 -3.49 10.15 16.14
CA THR A 49 -3.02 9.33 15.01
C THR A 49 -3.14 10.23 13.80
N VAL A 50 -2.40 9.92 12.74
CA VAL A 50 -2.50 10.73 11.55
C VAL A 50 -2.10 9.87 10.36
N GLU A 51 -2.76 10.10 9.24
CA GLU A 51 -2.44 9.37 8.02
C GLU A 51 -1.99 10.39 7.00
N ARG A 52 -0.86 10.13 6.35
CA ARG A 52 -0.35 11.05 5.36
C ARG A 52 0.00 10.34 4.06
N THR A 53 -0.06 11.09 2.97
CA THR A 53 0.27 10.57 1.66
C THR A 53 1.47 11.36 1.16
N PHE A 54 2.54 10.65 0.78
CA PHE A 54 3.75 11.29 0.30
C PHE A 54 4.08 10.80 -1.11
N ASN A 55 4.91 11.57 -1.81
CA ASN A 55 5.37 11.13 -3.12
C ASN A 55 6.53 10.24 -2.70
N SER A 56 6.75 9.15 -3.44
CA SER A 56 7.80 8.19 -3.11
C SER A 56 9.20 8.77 -2.84
N GLY A 57 9.48 9.94 -3.41
CA GLY A 57 10.80 10.54 -3.23
C GLY A 57 10.98 11.42 -2.01
N GLU A 58 9.92 11.63 -1.24
CA GLU A 58 10.01 12.49 -0.05
C GLU A 58 10.81 11.86 1.08
N LYS A 59 11.21 12.70 2.04
CA LYS A 59 11.98 12.24 3.19
C LYS A 59 11.36 12.69 4.50
N LEU A 60 11.67 11.98 5.57
CA LEU A 60 11.15 12.32 6.89
C LEU A 60 12.30 12.31 7.89
N GLU A 61 12.12 13.05 8.99
CA GLU A 61 13.13 13.12 10.03
C GLU A 61 12.98 11.93 10.98
N ASP A 62 13.86 10.95 10.83
CA ASP A 62 13.82 9.77 11.69
C ASP A 62 14.38 10.15 13.05
N ILE A 63 13.84 9.54 14.10
CA ILE A 63 14.31 9.83 15.45
C ILE A 63 14.66 8.54 16.18
N TYR A 64 15.47 8.69 17.23
CA TYR A 64 15.88 7.55 18.03
C TYR A 64 15.18 7.58 19.37
N VAL A 65 14.45 6.51 19.68
CA VAL A 65 13.74 6.40 20.93
C VAL A 65 14.06 5.05 21.53
N GLU A 66 14.56 5.05 22.77
CA GLU A 66 14.92 3.82 23.44
C GLU A 66 13.96 3.52 24.57
N THR A 67 13.66 2.24 24.78
CA THR A 67 12.78 1.84 25.85
C THR A 67 13.62 1.23 26.96
N ARG A 68 13.51 1.79 28.16
CA ARG A 68 14.28 1.30 29.30
C ARG A 68 13.35 1.01 30.47
N GLU A 69 13.80 0.13 31.37
CA GLU A 69 13.01 -0.21 32.54
C GLU A 69 13.23 0.83 33.62
N LEU A 70 12.12 1.37 34.14
CA LEU A 70 12.17 2.38 35.20
C LEU A 70 11.39 1.90 36.40
N GLN A 71 11.95 2.10 37.58
CA GLN A 71 11.27 1.68 38.80
C GLN A 71 10.69 2.90 39.51
N TYR A 72 9.38 2.87 39.78
CA TYR A 72 8.73 3.98 40.45
C TYR A 72 9.19 4.06 41.90
N LEU A 73 9.66 5.24 42.32
CA LEU A 73 10.14 5.41 43.69
C LEU A 73 9.15 6.11 44.62
N TYR A 74 8.67 7.28 44.22
CA TYR A 74 7.72 8.03 45.02
C TYR A 74 7.18 9.22 44.25
N PRO A 75 6.06 9.79 44.72
CA PRO A 75 5.44 10.95 44.06
C PRO A 75 6.02 12.25 44.61
N GLU A 76 5.99 13.30 43.78
CA GLU A 76 6.49 14.60 44.19
C GLU A 76 5.64 15.64 43.46
N GLY A 77 4.60 16.12 44.13
CA GLY A 77 3.72 17.09 43.52
C GLY A 77 2.96 16.45 42.37
N GLU A 78 3.06 17.04 41.19
CA GLU A 78 2.38 16.51 40.01
C GLU A 78 3.32 15.63 39.21
N GLU A 79 4.43 15.23 39.83
CA GLU A 79 5.41 14.39 39.16
C GLU A 79 5.64 13.08 39.90
N MET A 80 6.18 12.10 39.17
CA MET A 80 6.49 10.79 39.72
C MET A 80 7.97 10.56 39.48
N VAL A 81 8.68 10.21 40.55
CA VAL A 81 10.12 10.00 40.45
C VAL A 81 10.44 8.54 40.20
N PHE A 82 11.22 8.30 39.14
CA PHE A 82 11.64 6.95 38.75
C PHE A 82 13.16 6.78 38.76
N MET A 83 13.60 5.54 38.86
CA MET A 83 15.03 5.23 38.83
C MET A 83 15.24 4.32 37.63
N ASP A 84 16.20 4.67 36.78
CA ASP A 84 16.51 3.84 35.62
C ASP A 84 17.28 2.64 36.16
N LEU A 85 16.79 1.43 35.91
CA LEU A 85 17.43 0.23 36.44
C LEU A 85 18.70 -0.24 35.72
N GLU A 86 19.11 0.49 34.68
CA GLU A 86 20.33 0.15 33.96
C GLU A 86 21.39 1.22 34.18
N THR A 87 21.02 2.48 34.03
CA THR A 87 21.94 3.62 34.19
C THR A 87 21.92 4.27 35.56
N TYR A 88 20.88 3.98 36.33
CA TYR A 88 20.69 4.56 37.65
C TYR A 88 20.53 6.07 37.69
N GLU A 89 19.98 6.60 36.62
N GLU A 89 20.01 6.62 36.60
CA GLU A 89 19.70 8.02 36.49
CA GLU A 89 19.76 8.05 36.56
C GLU A 89 18.30 8.17 37.08
C GLU A 89 18.32 8.19 37.05
N GLN A 90 18.08 9.23 37.86
CA GLN A 90 16.76 9.48 38.42
C GLN A 90 16.01 10.46 37.53
N PHE A 91 14.72 10.20 37.30
CA PHE A 91 13.90 11.07 36.46
C PHE A 91 12.61 11.46 37.18
N ALA A 92 12.27 12.74 37.10
CA ALA A 92 11.04 13.25 37.70
C ALA A 92 10.12 13.39 36.49
N VAL A 93 9.13 12.51 36.40
CA VAL A 93 8.21 12.48 35.27
C VAL A 93 6.80 13.02 35.58
N PRO A 94 6.31 13.97 34.76
CA PRO A 94 4.96 14.50 35.01
C PRO A 94 3.97 13.34 34.95
N ARG A 95 3.01 13.31 35.87
CA ARG A 95 2.01 12.24 35.91
C ARG A 95 1.26 12.07 34.59
N SER A 96 1.10 13.17 33.86
CA SER A 96 0.38 13.13 32.59
C SER A 96 1.10 12.32 31.51
N ARG A 97 2.38 12.01 31.73
CA ARG A 97 3.13 11.21 30.77
C ARG A 97 3.15 9.75 31.20
N VAL A 98 2.47 9.46 32.30
CA VAL A 98 2.43 8.09 32.82
C VAL A 98 1.07 7.43 32.63
N VAL A 99 1.05 6.32 31.91
CA VAL A 99 -0.18 5.57 31.66
C VAL A 99 -0.64 4.89 32.96
N GLY A 100 -1.91 5.05 33.32
CA GLY A 100 -2.43 4.42 34.53
C GLY A 100 -1.67 4.82 35.79
N ALA A 101 -1.30 6.10 35.87
CA ALA A 101 -0.55 6.62 37.00
C ALA A 101 -1.11 6.28 38.38
N GLU A 102 -2.43 6.29 38.53
N GLU A 102 -2.43 6.28 38.52
CA GLU A 102 -3.05 6.00 39.83
CA GLU A 102 -3.07 6.01 39.80
C GLU A 102 -2.92 4.55 40.26
C GLU A 102 -2.97 4.55 40.24
N PHE A 103 -2.44 3.69 39.37
CA PHE A 103 -2.30 2.27 39.70
C PHE A 103 -0.86 1.87 39.95
N PHE A 104 0.00 2.87 40.12
CA PHE A 104 1.41 2.63 40.37
C PHE A 104 1.69 2.48 41.87
N LYS A 105 2.21 1.32 42.24
CA LYS A 105 2.57 1.04 43.62
C LYS A 105 4.07 1.37 43.70
N GLU A 106 4.51 1.99 44.79
CA GLU A 106 5.92 2.30 44.91
C GLU A 106 6.73 1.01 44.79
N GLY A 107 7.75 1.04 43.93
CA GLY A 107 8.57 -0.14 43.73
C GLY A 107 8.25 -0.87 42.44
N MET A 108 7.12 -0.52 41.83
N MET A 108 7.11 -0.56 41.84
CA MET A 108 6.67 -1.11 40.57
CA MET A 108 6.72 -1.24 40.60
C MET A 108 7.59 -0.70 39.42
C MET A 108 7.59 -0.77 39.44
N THR A 109 7.78 -1.61 38.48
N THR A 109 7.82 -1.66 38.47
CA THR A 109 8.62 -1.34 37.32
CA THR A 109 8.64 -1.33 37.31
C THR A 109 7.76 -1.08 36.09
C THR A 109 7.76 -1.07 36.09
N ALA A 110 8.18 -0.13 35.26
CA ALA A 110 7.44 0.23 34.06
C ALA A 110 8.42 0.48 32.93
N LEU A 111 7.92 0.62 31.72
CA LEU A 111 8.78 0.87 30.57
C LEU A 111 8.70 2.33 30.15
N GLY A 112 9.87 2.98 30.08
CA GLY A 112 9.90 4.36 29.68
C GLY A 112 10.45 4.55 28.28
N ASP A 113 9.78 5.37 27.48
CA ASP A 113 10.23 5.67 26.14
C ASP A 113 11.11 6.90 26.28
N MET A 114 12.37 6.76 25.92
CA MET A 114 13.34 7.84 26.05
C MET A 114 13.72 8.55 24.76
N TYR A 115 13.57 9.87 24.76
CA TYR A 115 13.91 10.69 23.61
C TYR A 115 14.85 11.77 24.11
N GLU A 116 16.02 11.87 23.47
CA GLU A 116 17.02 12.84 23.86
C GLU A 116 17.39 12.69 25.34
N GLY A 117 17.40 11.44 25.80
CA GLY A 117 17.77 11.14 27.18
C GLY A 117 16.74 11.33 28.27
N GLN A 118 15.52 11.73 27.92
CA GLN A 118 14.48 11.93 28.92
C GLN A 118 13.21 11.15 28.56
N PRO A 119 12.47 10.70 29.57
CA PRO A 119 11.24 9.94 29.31
C PRO A 119 10.14 10.80 28.71
N ILE A 120 9.51 10.33 27.64
CA ILE A 120 8.42 11.07 27.03
C ILE A 120 7.10 10.34 27.33
N LYS A 121 7.21 9.11 27.81
CA LYS A 121 6.05 8.32 28.19
C LYS A 121 6.49 7.14 29.05
N VAL A 122 5.68 6.78 30.04
CA VAL A 122 5.99 5.67 30.93
C VAL A 122 4.77 4.77 30.95
N THR A 123 4.97 3.50 30.63
CA THR A 123 3.86 2.55 30.55
C THR A 123 4.06 1.31 31.42
N PRO A 124 3.12 1.05 32.33
CA PRO A 124 3.22 -0.12 33.21
C PRO A 124 2.69 -1.35 32.47
N PRO A 125 2.82 -2.53 33.07
CA PRO A 125 2.30 -3.74 32.39
C PRO A 125 0.81 -3.53 32.21
N THR A 126 0.22 -4.18 31.21
N THR A 126 0.21 -4.16 31.21
CA THR A 126 -1.21 -4.06 30.95
CA THR A 126 -1.22 -4.01 30.98
C THR A 126 -2.02 -4.41 32.19
C THR A 126 -2.02 -4.39 32.21
N VAL A 127 -1.57 -5.43 32.91
CA VAL A 127 -2.25 -5.88 34.13
C VAL A 127 -1.27 -5.87 35.30
N VAL A 128 -1.67 -5.22 36.38
CA VAL A 128 -0.84 -5.15 37.58
C VAL A 128 -1.64 -5.68 38.76
N GLU A 129 -0.96 -6.11 39.82
CA GLU A 129 -1.63 -6.62 41.00
C GLU A 129 -1.58 -5.61 42.13
N LEU A 130 -2.74 -5.31 42.69
CA LEU A 130 -2.83 -4.34 43.78
C LEU A 130 -3.75 -4.87 44.87
N LYS A 131 -3.45 -4.50 46.10
CA LYS A 131 -4.24 -4.93 47.24
C LYS A 131 -5.41 -4.00 47.51
N VAL A 132 -6.54 -4.60 47.84
CA VAL A 132 -7.74 -3.83 48.21
C VAL A 132 -7.56 -3.53 49.70
N VAL A 133 -7.60 -2.25 50.05
CA VAL A 133 -7.44 -1.88 51.46
C VAL A 133 -8.75 -1.49 52.14
N ASP A 134 -9.77 -1.15 51.35
CA ASP A 134 -11.04 -0.77 51.92
C ASP A 134 -12.18 -1.02 50.94
N THR A 135 -13.15 -1.80 51.39
CA THR A 135 -14.32 -2.13 50.57
C THR A 135 -15.34 -2.69 51.53
N PRO A 136 -16.64 -2.48 51.26
CA PRO A 136 -17.64 -3.02 52.19
C PRO A 136 -17.48 -4.55 52.29
N PRO A 137 -17.46 -5.07 53.52
CA PRO A 137 -17.31 -6.52 53.70
C PRO A 137 -18.54 -7.29 53.21
N GLY A 138 -18.30 -8.48 52.66
CA GLY A 138 -19.41 -9.30 52.19
C GLY A 138 -20.21 -8.75 51.02
N VAL A 139 -21.48 -9.13 50.96
CA VAL A 139 -22.34 -8.70 49.87
C VAL A 139 -22.99 -7.33 50.08
N ARG A 140 -22.20 -6.37 50.57
CA ARG A 140 -22.70 -5.01 50.79
C ARG A 140 -22.43 -4.12 49.58
N GLY A 141 -23.10 -4.41 48.47
CA GLY A 141 -22.92 -3.61 47.27
C GLY A 141 -23.54 -2.23 47.43
N ASP A 142 -23.08 -1.28 46.62
CA ASP A 142 -23.61 0.08 46.70
C ASP A 142 -24.98 0.22 46.04
N THR A 143 -25.36 -0.77 45.23
CA THR A 143 -26.69 -0.77 44.59
C THR A 143 -27.44 -1.95 45.19
N VAL A 144 -28.75 -1.98 45.00
CA VAL A 144 -29.56 -3.07 45.53
C VAL A 144 -29.33 -4.40 44.83
N SER A 145 -29.30 -4.37 43.49
CA SER A 145 -29.14 -5.59 42.71
C SER A 145 -27.83 -5.76 41.95
N GLY A 146 -26.95 -4.77 42.02
CA GLY A 146 -25.68 -4.88 41.31
C GLY A 146 -24.85 -6.02 41.82
N GLY A 147 -23.85 -6.43 41.04
CA GLY A 147 -22.98 -7.51 41.46
C GLY A 147 -21.59 -7.04 41.86
N SER A 148 -21.42 -5.73 42.01
CA SER A 148 -20.12 -5.18 42.40
C SER A 148 -20.23 -4.10 43.46
N LYS A 149 -19.09 -3.74 44.04
CA LYS A 149 -19.01 -2.72 45.08
C LYS A 149 -17.72 -1.92 44.90
N PRO A 150 -17.67 -0.68 45.44
CA PRO A 150 -16.47 0.15 45.30
C PRO A 150 -15.36 -0.37 46.20
N ALA A 151 -14.12 -0.29 45.73
CA ALA A 151 -12.99 -0.74 46.53
C ALA A 151 -11.81 0.21 46.39
N THR A 152 -11.29 0.66 47.51
CA THR A 152 -10.13 1.54 47.51
C THR A 152 -8.91 0.64 47.50
N LEU A 153 -7.99 0.88 46.56
CA LEU A 153 -6.78 0.08 46.46
C LEU A 153 -5.64 0.72 47.25
N GLU A 154 -4.54 -0.01 47.42
CA GLU A 154 -3.41 0.50 48.20
C GLU A 154 -2.80 1.79 47.67
N THR A 155 -3.09 2.11 46.40
CA THR A 155 -2.58 3.32 45.77
C THR A 155 -3.52 4.51 45.94
N GLY A 156 -4.71 4.27 46.49
CA GLY A 156 -5.67 5.35 46.66
C GLY A 156 -6.73 5.30 45.57
N ALA A 157 -6.45 4.58 44.49
CA ALA A 157 -7.42 4.46 43.40
C ALA A 157 -8.62 3.66 43.85
N VAL A 158 -9.78 3.93 43.26
CA VAL A 158 -11.02 3.23 43.59
C VAL A 158 -11.59 2.59 42.33
N VAL A 159 -11.91 1.30 42.41
CA VAL A 159 -12.49 0.58 41.29
C VAL A 159 -13.61 -0.33 41.78
N GLN A 160 -14.51 -0.71 40.89
CA GLN A 160 -15.60 -1.61 41.25
C GLN A 160 -15.05 -3.03 41.25
N VAL A 161 -15.39 -3.80 42.27
CA VAL A 161 -14.96 -5.19 42.38
C VAL A 161 -16.16 -6.07 42.71
N PRO A 162 -16.09 -7.38 42.37
CA PRO A 162 -17.19 -8.29 42.66
C PRO A 162 -17.48 -8.31 44.15
N LEU A 163 -18.69 -8.70 44.53
CA LEU A 163 -19.07 -8.73 45.94
C LEU A 163 -18.25 -9.72 46.78
N PHE A 164 -17.68 -10.73 46.13
CA PHE A 164 -16.89 -11.73 46.84
C PHE A 164 -15.46 -11.29 47.16
N VAL A 165 -15.06 -10.11 46.70
CA VAL A 165 -13.72 -9.60 47.00
C VAL A 165 -13.78 -8.94 48.36
N GLU A 166 -12.79 -9.22 49.21
CA GLU A 166 -12.77 -8.67 50.56
C GLU A 166 -11.54 -7.81 50.84
N PRO A 167 -11.61 -7.00 51.90
CA PRO A 167 -10.46 -6.14 52.25
C PRO A 167 -9.22 -7.01 52.46
N GLY A 168 -8.09 -6.54 51.94
CA GLY A 168 -6.84 -7.27 52.08
C GLY A 168 -6.52 -8.20 50.93
N GLU A 169 -7.51 -8.45 50.07
CA GLU A 169 -7.32 -9.34 48.92
C GLU A 169 -6.58 -8.62 47.79
N VAL A 170 -5.69 -9.34 47.10
CA VAL A 170 -4.95 -8.75 45.98
C VAL A 170 -5.71 -9.01 44.69
N ILE A 171 -5.95 -7.96 43.90
CA ILE A 171 -6.67 -8.11 42.65
C ILE A 171 -5.82 -7.72 41.44
N LYS A 172 -6.32 -8.04 40.25
CA LYS A 172 -5.63 -7.70 39.01
C LYS A 172 -6.38 -6.52 38.40
N VAL A 173 -5.64 -5.50 37.98
CA VAL A 173 -6.23 -4.30 37.39
C VAL A 173 -5.62 -4.02 36.03
N ASP A 174 -6.48 -3.73 35.05
CA ASP A 174 -6.03 -3.40 33.71
C ASP A 174 -5.66 -1.92 33.79
N THR A 175 -4.39 -1.61 33.57
CA THR A 175 -3.90 -0.23 33.67
C THR A 175 -4.35 0.69 32.55
N ARG A 176 -4.80 0.10 31.45
CA ARG A 176 -5.26 0.87 30.31
C ARG A 176 -6.69 1.40 30.55
N THR A 177 -7.54 0.53 31.09
CA THR A 177 -8.93 0.89 31.35
C THR A 177 -9.20 1.26 32.80
N GLY A 178 -8.29 0.87 33.69
CA GLY A 178 -8.43 1.17 35.10
C GLY A 178 -9.52 0.34 35.77
N GLU A 179 -9.71 -0.88 35.29
CA GLU A 179 -10.75 -1.74 35.86
C GLU A 179 -10.25 -3.08 36.36
N TYR A 180 -11.02 -3.65 37.28
CA TYR A 180 -10.74 -4.96 37.86
C TYR A 180 -10.92 -6.01 36.75
N VAL A 181 -9.99 -6.96 36.65
CA VAL A 181 -10.13 -8.02 35.65
C VAL A 181 -10.08 -9.40 36.28
N GLY A 182 -9.83 -9.44 37.59
CA GLY A 182 -9.80 -10.71 38.30
C GLY A 182 -9.02 -10.70 39.60
N ARG A 183 -9.00 -11.84 40.30
CA ARG A 183 -8.27 -11.95 41.56
C ARG A 183 -6.85 -12.46 41.31
N ALA A 184 -5.90 -11.99 42.11
CA ALA A 184 -4.52 -12.42 41.97
C ALA A 184 -4.33 -13.82 42.54
N MET B 1 16.19 -12.75 -12.26
CA MET B 1 15.15 -12.78 -11.24
C MET B 1 14.99 -11.41 -10.62
N ILE B 2 13.78 -11.13 -10.13
CA ILE B 2 13.52 -9.84 -9.50
C ILE B 2 12.67 -10.03 -8.26
N SER B 3 12.97 -9.25 -7.22
CA SER B 3 12.20 -9.33 -5.99
C SER B 3 10.83 -8.71 -6.25
N VAL B 4 9.77 -9.31 -5.73
CA VAL B 4 8.43 -8.77 -5.95
C VAL B 4 8.29 -7.34 -5.43
N THR B 5 9.12 -6.95 -4.46
CA THR B 5 9.05 -5.60 -3.93
C THR B 5 9.67 -4.60 -4.90
N ASP B 6 10.39 -5.10 -5.90
CA ASP B 6 11.01 -4.21 -6.89
C ASP B 6 10.17 -4.10 -8.16
N LEU B 7 9.03 -4.79 -8.19
CA LEU B 7 8.13 -4.71 -9.34
C LEU B 7 7.57 -3.30 -9.45
N ARG B 8 7.41 -2.82 -10.68
CA ARG B 8 6.83 -1.50 -10.95
C ARG B 8 6.09 -1.62 -12.27
N PRO B 9 5.12 -0.72 -12.53
CA PRO B 9 4.44 -0.83 -13.83
C PRO B 9 5.52 -0.76 -14.92
N GLY B 10 5.53 -1.73 -15.83
CA GLY B 10 6.54 -1.73 -16.86
C GLY B 10 7.44 -2.95 -16.78
N THR B 11 7.57 -3.52 -15.59
CA THR B 11 8.39 -4.70 -15.42
C THR B 11 7.69 -5.85 -16.15
N LYS B 12 8.45 -6.62 -16.91
CA LYS B 12 7.90 -7.75 -17.64
C LYS B 12 8.39 -9.04 -16.98
N VAL B 13 7.50 -10.02 -16.88
CA VAL B 13 7.84 -11.28 -16.25
C VAL B 13 7.20 -12.47 -16.96
N LYS B 14 7.70 -13.66 -16.64
CA LYS B 14 7.15 -14.89 -17.19
C LYS B 14 6.47 -15.58 -16.01
N MET B 15 5.18 -15.85 -16.14
CA MET B 15 4.41 -16.51 -15.09
C MET B 15 3.39 -17.45 -15.73
N ASP B 16 3.20 -18.62 -15.11
CA ASP B 16 2.24 -19.59 -15.60
C ASP B 16 2.31 -19.84 -17.11
N GLY B 17 3.53 -19.88 -17.65
CA GLY B 17 3.70 -20.14 -19.06
C GLY B 17 3.42 -18.95 -19.96
N GLY B 18 3.00 -17.84 -19.37
CA GLY B 18 2.72 -16.65 -20.16
C GLY B 18 3.72 -15.53 -19.95
N LEU B 19 3.69 -14.52 -20.81
CA LEU B 19 4.57 -13.37 -20.74
C LEU B 19 3.67 -12.19 -20.33
N TRP B 20 4.08 -11.48 -19.28
CA TRP B 20 3.27 -10.39 -18.76
C TRP B 20 4.01 -9.10 -18.48
N GLU B 21 3.23 -8.05 -18.30
CA GLU B 21 3.77 -6.74 -17.96
C GLU B 21 2.99 -6.22 -16.75
N CYS B 22 3.72 -5.81 -15.73
CA CYS B 22 3.08 -5.27 -14.53
C CYS B 22 2.44 -3.93 -14.90
N VAL B 23 1.22 -3.71 -14.41
CA VAL B 23 0.52 -2.46 -14.68
C VAL B 23 0.14 -1.74 -13.39
N GLU B 24 0.14 -2.47 -12.28
CA GLU B 24 -0.18 -1.91 -10.95
C GLU B 24 0.65 -2.59 -9.88
N TYR B 25 1.18 -1.79 -8.96
CA TYR B 25 2.02 -2.32 -7.89
C TYR B 25 1.62 -1.76 -6.52
N GLN B 26 1.58 -2.64 -5.52
CA GLN B 26 1.25 -2.22 -4.15
C GLN B 26 2.01 -3.08 -3.16
N HIS B 27 2.81 -2.43 -2.32
CA HIS B 27 3.59 -3.10 -1.29
C HIS B 27 3.00 -2.61 0.02
N GLN B 28 2.56 -3.52 0.87
CA GLN B 28 1.93 -3.12 2.13
C GLN B 28 2.38 -3.93 3.34
N LYS B 29 2.29 -3.29 4.51
CA LYS B 29 2.64 -3.94 5.76
C LYS B 29 1.88 -3.24 6.88
N LEU B 30 1.01 -3.98 7.56
CA LEU B 30 0.23 -3.41 8.65
C LEU B 30 0.60 -4.09 9.96
N GLY B 31 1.01 -3.29 10.95
CA GLY B 31 1.39 -3.83 12.23
C GLY B 31 2.56 -4.80 12.11
N ARG B 32 2.60 -5.80 12.99
CA ARG B 32 3.66 -6.80 12.96
C ARG B 32 3.44 -7.82 11.84
N GLY B 33 2.27 -7.76 11.21
CA GLY B 33 1.97 -8.67 10.13
C GLY B 33 3.01 -8.66 9.02
N GLY B 34 3.17 -9.79 8.35
CA GLY B 34 4.13 -9.88 7.27
C GLY B 34 3.78 -8.98 6.10
N ALA B 35 4.80 -8.50 5.39
CA ALA B 35 4.57 -7.62 4.25
C ALA B 35 4.10 -8.41 3.04
N LYS B 36 3.26 -7.78 2.22
CA LYS B 36 2.72 -8.41 1.02
C LYS B 36 2.81 -7.47 -0.18
N VAL B 37 2.89 -8.05 -1.37
CA VAL B 37 2.91 -7.25 -2.60
C VAL B 37 1.75 -7.71 -3.44
N VAL B 38 0.91 -6.75 -3.85
CA VAL B 38 -0.23 -7.06 -4.70
C VAL B 38 0.07 -6.37 -6.02
N ALA B 39 0.11 -7.14 -7.11
CA ALA B 39 0.41 -6.56 -8.40
C ALA B 39 -0.52 -7.07 -9.49
N LYS B 40 -0.87 -6.19 -10.41
CA LYS B 40 -1.72 -6.55 -11.53
C LYS B 40 -0.84 -6.61 -12.77
N PHE B 41 -1.11 -7.58 -13.65
CA PHE B 41 -0.33 -7.75 -14.87
C PHE B 41 -1.24 -7.88 -16.09
N LYS B 42 -0.74 -7.41 -17.24
CA LYS B 42 -1.48 -7.54 -18.50
C LYS B 42 -0.63 -8.44 -19.40
N ASN B 43 -1.26 -9.36 -20.10
CA ASN B 43 -0.51 -10.28 -20.96
C ASN B 43 0.09 -9.55 -22.15
N LEU B 44 1.29 -9.98 -22.57
CA LEU B 44 1.97 -9.36 -23.71
C LEU B 44 1.53 -9.95 -25.05
N GLU B 45 0.80 -11.05 -25.02
CA GLU B 45 0.35 -11.72 -26.24
C GLU B 45 -1.17 -11.85 -26.37
N THR B 46 -1.84 -12.13 -25.25
CA THR B 46 -3.29 -12.26 -25.23
C THR B 46 -3.89 -11.03 -24.56
N GLY B 47 -5.21 -11.03 -24.38
CA GLY B 47 -5.84 -9.90 -23.73
C GLY B 47 -6.09 -10.13 -22.26
N ALA B 48 -5.53 -11.21 -21.72
CA ALA B 48 -5.74 -11.55 -20.32
C ALA B 48 -5.02 -10.64 -19.33
N THR B 49 -5.56 -10.56 -18.11
CA THR B 49 -4.97 -9.79 -17.04
C THR B 49 -5.01 -10.71 -15.83
N VAL B 50 -4.17 -10.45 -14.84
CA VAL B 50 -4.16 -11.26 -13.64
C VAL B 50 -3.65 -10.44 -12.47
N GLU B 51 -4.26 -10.62 -11.31
CA GLU B 51 -3.81 -9.91 -10.12
C GLU B 51 -3.30 -10.96 -9.16
N ARG B 52 -2.07 -10.78 -8.70
CA ARG B 52 -1.45 -11.73 -7.79
C ARG B 52 -1.02 -11.09 -6.48
N THR B 53 -1.02 -11.88 -5.42
CA THR B 53 -0.60 -11.42 -4.10
C THR B 53 0.60 -12.26 -3.72
N PHE B 54 1.70 -11.60 -3.40
CA PHE B 54 2.95 -12.29 -3.05
C PHE B 54 3.41 -11.93 -1.65
N ASN B 55 4.27 -12.76 -1.09
CA ASN B 55 4.85 -12.48 0.21
C ASN B 55 6.07 -11.64 -0.17
N SER B 56 6.35 -10.61 0.61
CA SER B 56 7.46 -9.70 0.35
C SER B 56 8.77 -10.36 -0.07
N GLY B 57 9.01 -11.60 0.37
CA GLY B 57 10.25 -12.27 0.03
C GLY B 57 10.30 -13.04 -1.28
N GLU B 58 9.16 -13.17 -1.95
CA GLU B 58 9.11 -13.91 -3.21
C GLU B 58 9.84 -13.22 -4.36
N LYS B 59 10.14 -13.99 -5.40
CA LYS B 59 10.82 -13.48 -6.57
C LYS B 59 10.16 -13.99 -7.86
N LEU B 60 10.30 -13.23 -8.93
CA LEU B 60 9.72 -13.61 -10.22
C LEU B 60 10.79 -13.59 -11.30
N GLU B 61 10.53 -14.32 -12.38
CA GLU B 61 11.48 -14.37 -13.49
C GLU B 61 11.19 -13.18 -14.40
N ASP B 62 11.97 -12.13 -14.29
CA ASP B 62 11.76 -10.97 -15.14
C ASP B 62 12.33 -11.27 -16.52
N ILE B 63 11.74 -10.64 -17.54
CA ILE B 63 12.19 -10.84 -18.90
C ILE B 63 12.37 -9.50 -19.61
N TYR B 64 13.11 -9.54 -20.71
CA TYR B 64 13.38 -8.35 -21.51
C TYR B 64 12.63 -8.45 -22.84
N VAL B 65 11.83 -7.45 -23.14
CA VAL B 65 11.08 -7.40 -24.39
C VAL B 65 11.36 -6.03 -24.99
N GLU B 66 11.98 -6.02 -26.15
CA GLU B 66 12.31 -4.76 -26.80
C GLU B 66 11.26 -4.35 -27.83
N THR B 67 10.89 -3.08 -27.82
CA THR B 67 9.91 -2.56 -28.76
C THR B 67 10.68 -1.96 -29.93
N ARG B 68 10.40 -2.45 -31.14
CA ARG B 68 11.09 -2.00 -32.34
C ARG B 68 10.13 -1.44 -33.40
N GLU B 69 10.56 -0.40 -34.10
CA GLU B 69 9.72 0.16 -35.15
C GLU B 69 9.81 -0.75 -36.37
N LEU B 70 8.65 -1.18 -36.85
CA LEU B 70 8.58 -2.06 -38.01
C LEU B 70 7.72 -1.44 -39.09
N GLN B 71 7.96 -1.83 -40.34
CA GLN B 71 7.18 -1.33 -41.44
C GLN B 71 6.46 -2.50 -42.11
N TYR B 72 5.15 -2.36 -42.31
CA TYR B 72 4.39 -3.41 -42.96
C TYR B 72 4.69 -3.36 -44.45
N LEU B 73 5.12 -4.48 -45.01
CA LEU B 73 5.46 -4.54 -46.44
C LEU B 73 4.32 -5.07 -47.30
N TYR B 74 3.87 -6.28 -47.02
CA TYR B 74 2.80 -6.90 -47.80
C TYR B 74 2.36 -8.21 -47.16
N PRO B 75 1.25 -8.79 -47.65
CA PRO B 75 0.73 -10.05 -47.12
C PRO B 75 1.46 -11.25 -47.73
N GLU B 76 1.87 -12.18 -46.88
CA GLU B 76 2.55 -13.40 -47.33
C GLU B 76 1.58 -14.51 -46.93
N GLY B 77 0.83 -15.02 -47.91
CA GLY B 77 -0.14 -16.04 -47.59
C GLY B 77 -1.15 -15.35 -46.69
N GLU B 78 -1.37 -15.89 -45.50
CA GLU B 78 -2.30 -15.28 -44.56
C GLU B 78 -1.57 -14.38 -43.56
N GLU B 79 -0.26 -14.54 -43.48
CA GLU B 79 0.55 -13.74 -42.56
C GLU B 79 0.86 -12.36 -43.12
N MET B 80 1.51 -11.52 -42.32
CA MET B 80 1.87 -10.17 -42.73
C MET B 80 3.38 -9.99 -42.61
N VAL B 81 4.01 -9.56 -43.69
CA VAL B 81 5.46 -9.36 -43.67
C VAL B 81 5.82 -7.97 -43.15
N PHE B 82 6.62 -7.94 -42.08
CA PHE B 82 7.06 -6.69 -41.47
C PHE B 82 8.57 -6.58 -41.54
N MET B 83 9.08 -5.35 -41.68
CA MET B 83 10.51 -5.14 -41.75
C MET B 83 11.01 -4.18 -40.68
N ASP B 84 12.09 -4.58 -40.01
CA ASP B 84 12.68 -3.75 -38.97
C ASP B 84 13.31 -2.57 -39.70
N LEU B 85 12.90 -1.36 -39.32
CA LEU B 85 13.38 -0.16 -39.98
C LEU B 85 14.86 0.17 -39.75
N GLU B 86 15.51 -0.55 -38.83
CA GLU B 86 16.93 -0.31 -38.59
C GLU B 86 17.81 -1.43 -39.14
N THR B 87 17.43 -2.68 -38.87
CA THR B 87 18.22 -3.83 -39.32
C THR B 87 17.77 -4.39 -40.66
N TYR B 88 16.55 -4.05 -41.06
CA TYR B 88 15.96 -4.50 -42.31
C TYR B 88 15.59 -5.97 -42.33
N GLU B 89 15.64 -6.62 -41.17
CA GLU B 89 15.26 -8.02 -41.10
C GLU B 89 13.75 -8.09 -41.35
N GLN B 90 13.31 -9.07 -42.12
CA GLN B 90 11.89 -9.23 -42.41
C GLN B 90 11.31 -10.41 -41.64
N PHE B 91 10.08 -10.21 -41.13
CA PHE B 91 9.38 -11.22 -40.34
C PHE B 91 7.99 -11.50 -40.92
N ALA B 92 7.60 -12.77 -40.98
CA ALA B 92 6.26 -13.12 -41.46
C ALA B 92 5.49 -13.28 -40.14
N VAL B 93 4.62 -12.32 -39.86
CA VAL B 93 3.85 -12.31 -38.61
C VAL B 93 2.41 -12.75 -38.77
N PRO B 94 1.95 -13.71 -37.95
CA PRO B 94 0.57 -14.17 -38.06
C PRO B 94 -0.33 -12.97 -37.77
N ARG B 95 -1.44 -12.86 -38.50
CA ARG B 95 -2.36 -11.75 -38.28
C ARG B 95 -2.93 -11.70 -36.87
N SER B 96 -3.00 -12.86 -36.20
CA SER B 96 -3.54 -12.88 -34.85
C SER B 96 -2.62 -12.19 -33.84
N ARG B 97 -1.39 -11.87 -34.24
CA ARG B 97 -0.45 -11.20 -33.34
C ARG B 97 -0.39 -9.71 -33.66
N VAL B 98 -1.19 -9.28 -34.63
CA VAL B 98 -1.21 -7.88 -35.06
C VAL B 98 -2.51 -7.19 -34.69
N VAL B 99 -2.41 -6.15 -33.87
CA VAL B 99 -3.58 -5.38 -33.45
C VAL B 99 -4.12 -4.57 -34.63
N GLY B 100 -5.43 -4.66 -34.86
CA GLY B 100 -6.05 -3.92 -35.94
C GLY B 100 -5.47 -4.28 -37.30
N ALA B 101 -5.16 -5.56 -37.49
CA ALA B 101 -4.56 -6.03 -38.74
C ALA B 101 -5.27 -5.58 -40.02
N GLU B 102 -6.60 -5.55 -40.01
CA GLU B 102 -7.34 -5.15 -41.21
C GLU B 102 -7.21 -3.68 -41.56
N PHE B 103 -6.55 -2.90 -40.71
CA PHE B 103 -6.39 -1.46 -40.97
C PHE B 103 -4.97 -1.07 -41.36
N PHE B 104 -4.18 -2.08 -41.72
CA PHE B 104 -2.79 -1.84 -42.14
C PHE B 104 -2.69 -1.61 -43.64
N LYS B 105 -2.16 -0.45 -44.00
CA LYS B 105 -1.94 -0.10 -45.39
C LYS B 105 -0.46 -0.42 -45.63
N GLU B 106 -0.13 -0.99 -46.78
CA GLU B 106 1.26 -1.31 -47.07
C GLU B 106 2.11 -0.06 -46.89
N GLY B 107 3.23 -0.19 -46.20
CA GLY B 107 4.11 0.95 -45.97
C GLY B 107 3.95 1.58 -44.60
N MET B 108 2.86 1.24 -43.91
N MET B 108 2.85 1.28 -43.92
CA MET B 108 2.57 1.76 -42.58
CA MET B 108 2.61 1.87 -42.61
C MET B 108 3.59 1.28 -41.55
C MET B 108 3.58 1.33 -41.57
N THR B 109 3.83 2.09 -40.52
N THR B 109 3.86 2.13 -40.54
CA THR B 109 4.77 1.75 -39.47
CA THR B 109 4.77 1.74 -39.48
C THR B 109 4.02 1.34 -38.20
C THR B 109 4.01 1.34 -38.21
N ALA B 110 4.57 0.38 -37.48
CA ALA B 110 3.95 -0.10 -36.25
C ALA B 110 5.07 -0.46 -35.28
N LEU B 111 4.71 -0.75 -34.04
CA LEU B 111 5.71 -1.11 -33.04
C LEU B 111 5.61 -2.60 -32.75
N GLY B 112 6.72 -3.30 -32.87
CA GLY B 112 6.71 -4.72 -32.60
C GLY B 112 7.41 -5.03 -31.29
N ASP B 113 6.79 -5.86 -30.47
CA ASP B 113 7.39 -6.27 -29.22
C ASP B 113 8.19 -7.52 -29.53
N MET B 114 9.51 -7.44 -29.36
CA MET B 114 10.41 -8.54 -29.66
C MET B 114 10.87 -9.27 -28.42
N TYR B 115 10.60 -10.57 -28.39
CA TYR B 115 11.02 -11.38 -27.25
C TYR B 115 11.95 -12.45 -27.82
N GLU B 116 13.19 -12.42 -27.34
CA GLU B 116 14.22 -13.35 -27.78
C GLU B 116 14.29 -13.44 -29.30
N GLY B 117 14.31 -12.28 -29.94
CA GLY B 117 14.45 -12.22 -31.39
C GLY B 117 13.25 -12.39 -32.30
N GLN B 118 12.05 -12.52 -31.75
CA GLN B 118 10.90 -12.68 -32.61
C GLN B 118 9.72 -11.82 -32.14
N PRO B 119 8.92 -11.32 -33.08
CA PRO B 119 7.76 -10.50 -32.73
C PRO B 119 6.65 -11.29 -32.07
N ILE B 120 6.25 -10.89 -30.87
CA ILE B 120 5.15 -11.57 -30.19
C ILE B 120 3.88 -10.74 -30.30
N LYS B 121 4.02 -9.47 -30.70
CA LYS B 121 2.86 -8.59 -30.87
C LYS B 121 3.27 -7.41 -31.74
N VAL B 122 2.37 -6.94 -32.59
CA VAL B 122 2.65 -5.78 -33.44
C VAL B 122 1.48 -4.83 -33.25
N THR B 123 1.77 -3.59 -32.90
CA THR B 123 0.73 -2.60 -32.62
C THR B 123 0.88 -1.29 -33.40
N PRO B 124 -0.15 -0.91 -34.17
CA PRO B 124 -0.10 0.32 -34.96
C PRO B 124 -0.55 1.49 -34.08
N PRO B 125 -0.45 2.73 -34.60
CA PRO B 125 -0.89 3.88 -33.81
C PRO B 125 -2.38 3.67 -33.50
N THR B 126 -2.85 4.28 -32.41
N THR B 126 -2.84 4.29 -32.41
CA THR B 126 -4.26 4.14 -32.04
CA THR B 126 -4.24 4.17 -32.02
C THR B 126 -5.18 4.64 -33.14
C THR B 126 -5.17 4.64 -33.12
N VAL B 127 -4.73 5.66 -33.86
CA VAL B 127 -5.52 6.21 -34.94
C VAL B 127 -4.68 6.28 -36.21
N VAL B 128 -5.20 5.73 -37.30
CA VAL B 128 -4.49 5.74 -38.57
C VAL B 128 -5.40 6.36 -39.63
N GLU B 129 -4.81 6.83 -40.71
CA GLU B 129 -5.57 7.44 -41.80
C GLU B 129 -5.66 6.50 -42.99
N LEU B 130 -6.89 6.26 -43.45
CA LEU B 130 -7.11 5.36 -44.58
C LEU B 130 -8.11 5.95 -45.57
N LYS B 131 -7.87 5.69 -46.84
CA LYS B 131 -8.74 6.20 -47.89
C LYS B 131 -9.96 5.33 -48.12
N VAL B 132 -11.10 5.97 -48.36
CA VAL B 132 -12.35 5.27 -48.65
C VAL B 132 -12.38 5.03 -50.15
N VAL B 133 -12.60 3.79 -50.57
CA VAL B 133 -12.62 3.48 -51.99
C VAL B 133 -14.01 3.16 -52.53
N ASP B 134 -14.95 2.87 -51.63
CA ASP B 134 -16.30 2.55 -52.03
C ASP B 134 -17.30 2.83 -50.91
N THR B 135 -18.36 3.57 -51.23
CA THR B 135 -19.39 3.89 -50.26
C THR B 135 -20.59 4.50 -50.98
N PRO B 136 -21.81 4.21 -50.50
CA PRO B 136 -23.04 4.73 -51.12
C PRO B 136 -23.01 6.26 -51.24
N PRO B 137 -23.74 6.81 -52.22
CA PRO B 137 -23.80 8.26 -52.43
C PRO B 137 -24.35 8.97 -51.21
N GLY B 138 -23.84 10.18 -50.96
CA GLY B 138 -24.30 10.95 -49.81
C GLY B 138 -25.80 11.22 -49.83
N SER B 145 -31.03 5.04 -43.75
CA SER B 145 -31.14 4.39 -42.44
C SER B 145 -30.12 4.98 -41.46
N GLY B 146 -30.62 5.66 -40.43
CA GLY B 146 -29.76 6.26 -39.44
C GLY B 146 -28.99 7.46 -39.97
N GLY B 147 -27.80 7.70 -39.41
CA GLY B 147 -27.00 8.81 -39.86
C GLY B 147 -25.63 8.40 -40.36
N SER B 148 -25.50 7.14 -40.77
CA SER B 148 -24.23 6.63 -41.29
C SER B 148 -24.45 5.60 -42.39
N LYS B 149 -23.36 5.22 -43.05
CA LYS B 149 -23.42 4.25 -44.15
C LYS B 149 -22.11 3.47 -44.17
N PRO B 150 -22.13 2.26 -44.76
CA PRO B 150 -20.92 1.44 -44.83
C PRO B 150 -19.92 2.02 -45.83
N ALA B 151 -18.64 1.90 -45.53
CA ALA B 151 -17.60 2.38 -46.43
C ALA B 151 -16.46 1.37 -46.49
N THR B 152 -16.10 0.96 -47.70
CA THR B 152 -14.99 0.02 -47.88
C THR B 152 -13.71 0.85 -47.96
N LEU B 153 -12.71 0.46 -47.19
CA LEU B 153 -11.44 1.19 -47.17
C LEU B 153 -10.42 0.55 -48.11
N GLU B 154 -9.32 1.26 -48.33
CA GLU B 154 -8.25 0.77 -49.22
C GLU B 154 -7.62 -0.54 -48.76
N THR B 155 -7.84 -0.90 -47.50
CA THR B 155 -7.30 -2.14 -46.96
C THR B 155 -8.28 -3.29 -47.13
N GLY B 156 -9.52 -2.97 -47.49
CA GLY B 156 -10.53 -3.99 -47.65
C GLY B 156 -11.49 -3.97 -46.46
N ALA B 157 -11.08 -3.34 -45.38
CA ALA B 157 -11.92 -3.25 -44.19
C ALA B 157 -13.14 -2.39 -44.49
N VAL B 158 -14.24 -2.66 -43.80
CA VAL B 158 -15.47 -1.90 -43.98
C VAL B 158 -15.92 -1.33 -42.65
N VAL B 159 -16.13 -0.02 -42.60
CA VAL B 159 -16.55 0.64 -41.37
C VAL B 159 -17.69 1.62 -41.65
N GLN B 160 -18.48 1.94 -40.63
CA GLN B 160 -19.59 2.89 -40.79
C GLN B 160 -19.01 4.29 -40.77
N VAL B 161 -19.44 5.13 -41.71
CA VAL B 161 -18.97 6.51 -41.78
C VAL B 161 -20.17 7.45 -41.92
N PRO B 162 -19.96 8.75 -41.68
CA PRO B 162 -21.06 9.71 -41.80
C PRO B 162 -21.55 9.76 -43.25
N LEU B 163 -22.79 10.18 -43.43
CA LEU B 163 -23.38 10.23 -44.76
C LEU B 163 -22.65 11.16 -45.74
N PHE B 164 -21.91 12.13 -45.23
CA PHE B 164 -21.22 13.07 -46.11
C PHE B 164 -19.88 12.59 -46.67
N VAL B 165 -19.43 11.42 -46.23
CA VAL B 165 -18.17 10.87 -46.73
C VAL B 165 -18.33 10.35 -48.15
N GLU B 166 -17.36 10.67 -49.00
CA GLU B 166 -17.40 10.23 -50.40
C GLU B 166 -16.17 9.40 -50.78
N PRO B 167 -16.30 8.57 -51.82
CA PRO B 167 -15.17 7.74 -52.25
C PRO B 167 -13.96 8.63 -52.52
N GLY B 168 -12.78 8.18 -52.09
CA GLY B 168 -11.57 8.94 -52.31
C GLY B 168 -11.16 9.79 -51.12
N GLU B 169 -12.08 9.98 -50.20
CA GLU B 169 -11.82 10.79 -49.01
C GLU B 169 -11.02 9.96 -47.99
N VAL B 170 -10.13 10.61 -47.26
CA VAL B 170 -9.32 9.93 -46.26
C VAL B 170 -9.95 10.14 -44.88
N ILE B 171 -10.14 9.04 -44.15
CA ILE B 171 -10.73 9.13 -42.82
C ILE B 171 -9.76 8.64 -41.75
N LYS B 172 -10.11 8.93 -40.50
CA LYS B 172 -9.31 8.50 -39.36
C LYS B 172 -10.04 7.31 -38.75
N VAL B 173 -9.30 6.24 -38.48
CA VAL B 173 -9.88 5.03 -37.90
C VAL B 173 -9.14 4.65 -36.62
N ASP B 174 -9.91 4.32 -35.58
CA ASP B 174 -9.33 3.88 -34.31
C ASP B 174 -9.02 2.40 -34.53
N THR B 175 -7.74 2.04 -34.47
CA THR B 175 -7.34 0.67 -34.72
C THR B 175 -7.68 -0.32 -33.61
N ARG B 176 -8.06 0.20 -32.44
CA ARG B 176 -8.40 -0.67 -31.33
C ARG B 176 -9.89 -1.04 -31.37
N THR B 177 -10.71 -0.13 -31.87
CA THR B 177 -12.15 -0.37 -31.97
C THR B 177 -12.59 -0.67 -33.40
N GLY B 178 -11.77 -0.26 -34.37
CA GLY B 178 -12.09 -0.50 -35.76
C GLY B 178 -13.19 0.42 -36.24
N GLU B 179 -13.30 1.59 -35.62
CA GLU B 179 -14.35 2.54 -35.98
C GLU B 179 -13.84 3.88 -36.47
N TYR B 180 -14.67 4.53 -37.27
CA TYR B 180 -14.39 5.85 -37.81
C TYR B 180 -14.38 6.84 -36.64
N VAL B 181 -13.42 7.76 -36.61
CA VAL B 181 -13.37 8.75 -35.54
C VAL B 181 -13.31 10.19 -36.08
N GLY B 182 -13.22 10.33 -37.40
CA GLY B 182 -13.17 11.66 -37.98
C GLY B 182 -12.54 11.72 -39.35
N ARG B 183 -12.54 12.91 -39.95
CA ARG B 183 -11.94 13.09 -41.26
C ARG B 183 -10.46 13.46 -41.12
N ALA B 184 -9.65 13.01 -42.07
CA ALA B 184 -8.22 13.29 -42.03
C ALA B 184 -7.94 14.72 -42.50
#